data_6NC5
#
_entry.id   6NC5
#
_cell.length_a   53.468
_cell.length_b   74.946
_cell.length_c   76.095
_cell.angle_alpha   90.00
_cell.angle_beta   90.00
_cell.angle_gamma   90.00
#
_symmetry.space_group_name_H-M   'P 21 21 21'
#
loop_
_entity.id
_entity.type
_entity.pdbx_description
1 polymer Beta-lactamase
2 non-polymer 'ZINC ION'
3 non-polymer 'ACETATE ION'
4 non-polymer 'PHOSPHATE ION'
5 water water
#
_entity_poly.entity_id   1
_entity_poly.type   'polypeptide(L)'
_entity_poly.pdbx_seq_one_letter_code
;SLFEAWAKPVQPFAIWPGVWYVGTENLSSVLLTTPQGHILIDAGLDASAPQIRRNIEALGFRMADIRYIANSHARLDHAG
GIARLKAWSGARVIASHANAEQMARGGKEDFALGDALPFPPVTVDMEAQDGQQWHLGGVTLAAIFTPGHLPGATSWKVTL
ADGKTLIYADSLATPGYPLINNRNYPTLVEDIRRSFARLEAQQVDIFLANHGERFGLMDKMARKARGENNAFIDKAGLAR
YVAQSRAAFEKQLAAQRAQP
;
_entity_poly.pdbx_strand_id   A
#
loop_
_chem_comp.id
_chem_comp.type
_chem_comp.name
_chem_comp.formula
ACT non-polymer 'ACETATE ION' 'C2 H3 O2 -1'
PO4 non-polymer 'PHOSPHATE ION' 'O4 P -3'
ZN non-polymer 'ZINC ION' 'Zn 2'
#
# COMPACT_ATOMS: atom_id res chain seq x y z
N SER A 1 7.89 -14.32 -13.05
CA SER A 1 6.72 -14.46 -13.91
C SER A 1 5.43 -14.39 -13.10
N LEU A 2 5.54 -14.57 -11.77
CA LEU A 2 4.40 -14.31 -10.90
C LEU A 2 4.16 -12.81 -10.78
N PHE A 3 5.24 -12.02 -10.75
CA PHE A 3 5.10 -10.57 -10.86
C PHE A 3 4.56 -10.17 -12.23
N GLU A 4 4.90 -10.92 -13.27
CA GLU A 4 4.33 -10.69 -14.60
C GLU A 4 2.81 -10.80 -14.56
N ALA A 5 2.30 -11.88 -13.93
CA ALA A 5 0.86 -12.05 -13.81
C ALA A 5 0.26 -10.99 -12.91
N TRP A 6 0.97 -10.60 -11.85
CA TRP A 6 0.49 -9.56 -10.95
C TRP A 6 0.42 -8.21 -11.65
N ALA A 7 1.29 -7.98 -12.63
CA ALA A 7 1.40 -6.68 -13.28
C ALA A 7 0.56 -6.56 -14.54
N LYS A 8 -0.27 -7.56 -14.85
CA LYS A 8 -1.11 -7.48 -16.04
C LYS A 8 -2.02 -6.25 -15.93
N PRO A 9 -2.14 -5.44 -16.98
CA PRO A 9 -2.85 -4.17 -16.85
C PRO A 9 -4.35 -4.35 -16.64
N VAL A 10 -4.93 -3.37 -15.96
CA VAL A 10 -6.38 -3.24 -15.80
C VAL A 10 -6.75 -1.84 -16.25
N GLN A 11 -7.93 -1.70 -16.85
CA GLN A 11 -8.41 -0.39 -17.25
C GLN A 11 -8.73 0.44 -16.00
N PRO A 12 -8.17 1.64 -15.85
CA PRO A 12 -8.41 2.42 -14.63
C PRO A 12 -9.89 2.76 -14.48
N PHE A 13 -10.29 3.01 -13.24
CA PHE A 13 -11.70 3.25 -12.93
C PHE A 13 -11.83 3.98 -11.61
N ALA A 14 -13.05 4.42 -11.34
CA ALA A 14 -13.35 5.16 -10.12
C ALA A 14 -13.81 4.19 -9.03
N ILE A 15 -13.10 4.19 -7.90
CA ILE A 15 -13.54 3.44 -6.74
C ILE A 15 -14.65 4.19 -6.02
N TRP A 16 -14.63 5.51 -6.05
CA TRP A 16 -15.49 6.38 -5.26
C TRP A 16 -15.19 7.80 -5.71
N PRO A 17 -16.13 8.75 -5.59
CA PRO A 17 -15.82 10.15 -5.87
C PRO A 17 -14.47 10.58 -5.30
N GLY A 18 -13.52 10.87 -6.17
CA GLY A 18 -12.21 11.32 -5.77
C GLY A 18 -11.21 10.22 -5.48
N VAL A 19 -11.57 8.96 -5.71
CA VAL A 19 -10.71 7.82 -5.43
C VAL A 19 -10.65 6.98 -6.70
N TRP A 20 -9.46 6.89 -7.29
CA TRP A 20 -9.27 6.22 -8.56
C TRP A 20 -8.27 5.08 -8.41
N TYR A 21 -8.56 3.97 -9.07
CA TYR A 21 -7.63 2.84 -9.15
C TYR A 21 -6.84 2.94 -10.43
N VAL A 22 -5.51 2.92 -10.32
CA VAL A 22 -4.64 3.08 -11.47
C VAL A 22 -3.55 2.02 -11.46
N GLY A 23 -3.74 0.97 -10.66
CA GLY A 23 -2.78 -0.11 -10.54
C GLY A 23 -3.00 -1.20 -11.56
N THR A 24 -2.49 -2.39 -11.24
CA THR A 24 -2.60 -3.54 -12.11
C THR A 24 -3.55 -4.57 -11.51
N GLU A 25 -3.55 -5.78 -12.06
CA GLU A 25 -4.52 -6.79 -11.65
C GLU A 25 -4.38 -7.14 -10.18
N ASN A 26 -3.15 -7.17 -9.66
CA ASN A 26 -2.94 -7.54 -8.27
C ASN A 26 -1.96 -6.64 -7.53
N LEU A 27 -1.48 -5.57 -8.15
CA LEU A 27 -0.60 -4.62 -7.47
C LEU A 27 -1.30 -3.27 -7.47
N SER A 28 -1.74 -2.83 -6.29
CA SER A 28 -2.60 -1.66 -6.19
C SER A 28 -1.83 -0.36 -6.37
N SER A 29 -2.50 0.62 -6.94
CA SER A 29 -2.02 1.99 -7.00
C SER A 29 -3.26 2.87 -7.01
N VAL A 30 -3.36 3.78 -6.05
CA VAL A 30 -4.59 4.53 -5.81
C VAL A 30 -4.29 6.02 -5.93
N LEU A 31 -5.07 6.71 -6.76
CA LEU A 31 -4.93 8.15 -6.95
C LEU A 31 -6.10 8.85 -6.26
N LEU A 32 -5.78 9.71 -5.30
CA LEU A 32 -6.76 10.57 -4.65
C LEU A 32 -6.63 11.97 -5.25
N THR A 33 -7.71 12.45 -5.85
CA THR A 33 -7.69 13.73 -6.56
C THR A 33 -8.43 14.79 -5.77
N THR A 34 -7.85 16.00 -5.73
CA THR A 34 -8.45 17.15 -5.07
C THR A 34 -8.23 18.38 -5.94
N PRO A 35 -8.93 19.49 -5.69
CA PRO A 35 -8.67 20.72 -6.46
C PRO A 35 -7.35 21.39 -6.13
N GLN A 36 -6.57 20.87 -5.18
CA GLN A 36 -5.27 21.43 -4.84
C GLN A 36 -4.12 20.54 -5.26
N GLY A 37 -4.39 19.44 -5.95
CA GLY A 37 -3.39 18.45 -6.25
C GLY A 37 -3.82 17.06 -5.79
N HIS A 38 -3.00 16.09 -6.15
CA HIS A 38 -3.37 14.69 -5.99
C HIS A 38 -2.37 13.94 -5.13
N ILE A 39 -2.84 12.80 -4.61
CA ILE A 39 -2.03 11.87 -3.83
C ILE A 39 -2.05 10.53 -4.54
N LEU A 40 -0.88 9.90 -4.65
CA LEU A 40 -0.75 8.56 -5.21
C LEU A 40 -0.22 7.63 -4.13
N ILE A 41 -0.99 6.60 -3.80
CA ILE A 41 -0.58 5.60 -2.82
C ILE A 41 0.02 4.43 -3.58
N ASP A 42 1.32 4.19 -3.36
CA ASP A 42 2.03 3.06 -3.93
C ASP A 42 2.13 3.18 -5.45
N ALA A 43 3.10 2.45 -6.03
CA ALA A 43 3.39 2.54 -7.45
C ALA A 43 3.31 1.20 -8.15
N GLY A 44 3.94 0.18 -7.60
CA GLY A 44 4.08 -1.10 -8.26
C GLY A 44 5.51 -1.34 -8.70
N LEU A 45 5.64 -2.24 -9.68
CA LEU A 45 6.96 -2.55 -10.22
C LEU A 45 7.48 -1.41 -11.09
N ASP A 46 8.81 -1.33 -11.20
CA ASP A 46 9.40 -0.34 -12.08
C ASP A 46 8.90 -0.52 -13.51
N ALA A 47 8.77 -1.77 -13.96
CA ALA A 47 8.32 -2.04 -15.31
C ALA A 47 6.91 -1.53 -15.58
N SER A 48 6.11 -1.33 -14.54
CA SER A 48 4.74 -0.88 -14.70
C SER A 48 4.59 0.64 -14.57
N ALA A 49 5.68 1.36 -14.30
CA ALA A 49 5.57 2.80 -14.13
C ALA A 49 4.97 3.49 -15.34
N PRO A 50 5.38 3.18 -16.58
CA PRO A 50 4.73 3.83 -17.73
C PRO A 50 3.24 3.53 -17.81
N GLN A 51 2.81 2.35 -17.37
CA GLN A 51 1.39 2.02 -17.38
C GLN A 51 0.64 2.83 -16.35
N ILE A 52 1.25 3.09 -15.19
CA ILE A 52 0.59 3.87 -14.16
C ILE A 52 0.35 5.30 -14.61
N ARG A 53 1.42 5.98 -15.05
CA ARG A 53 1.26 7.32 -15.62
C ARG A 53 0.22 7.29 -16.73
N ARG A 54 0.34 6.31 -17.62
CA ARG A 54 -0.62 6.18 -18.72
C ARG A 54 -2.04 6.08 -18.16
N ASN A 55 -2.22 5.32 -17.09
CA ASN A 55 -3.55 5.20 -16.51
C ASN A 55 -4.03 6.53 -15.95
N ILE A 56 -3.16 7.25 -15.25
CA ILE A 56 -3.53 8.53 -14.67
C ILE A 56 -3.98 9.49 -15.76
N GLU A 57 -3.26 9.53 -16.88
CA GLU A 57 -3.60 10.45 -17.95
C GLU A 57 -4.85 10.00 -18.70
N ALA A 58 -5.10 8.69 -18.77
CA ALA A 58 -6.31 8.20 -19.41
C ALA A 58 -7.55 8.60 -18.62
N LEU A 59 -7.41 8.87 -17.33
CA LEU A 59 -8.54 9.33 -16.52
C LEU A 59 -8.76 10.83 -16.63
N GLY A 60 -7.83 11.57 -17.23
CA GLY A 60 -7.96 13.00 -17.36
C GLY A 60 -7.17 13.81 -16.37
N PHE A 61 -6.14 13.25 -15.75
CA PHE A 61 -5.37 13.93 -14.73
C PHE A 61 -3.90 14.02 -15.17
N ARG A 62 -3.19 14.95 -14.55
CA ARG A 62 -1.82 15.27 -14.94
C ARG A 62 -0.83 14.81 -13.88
N MET A 63 0.27 14.23 -14.34
CA MET A 63 1.34 13.83 -13.41
C MET A 63 1.83 15.02 -12.60
N ALA A 64 1.95 16.18 -13.24
CA ALA A 64 2.49 17.37 -12.56
C ALA A 64 1.59 17.86 -11.43
N ASP A 65 0.36 17.38 -11.34
CA ASP A 65 -0.54 17.77 -10.26
C ASP A 65 -0.47 16.83 -9.07
N ILE A 66 0.30 15.74 -9.16
CA ILE A 66 0.48 14.84 -8.04
C ILE A 66 1.49 15.46 -7.08
N ARG A 67 1.06 15.73 -5.85
CA ARG A 67 1.89 16.41 -4.86
CA ARG A 67 1.89 16.40 -4.87
C ARG A 67 2.58 15.44 -3.91
N TYR A 68 1.99 14.29 -3.64
CA TYR A 68 2.57 13.33 -2.71
C TYR A 68 2.45 11.92 -3.24
N ILE A 69 3.50 11.12 -3.04
CA ILE A 69 3.49 9.69 -3.30
C ILE A 69 3.77 8.98 -1.99
N ALA A 70 2.79 8.20 -1.53
CA ALA A 70 2.92 7.46 -0.28
C ALA A 70 3.27 6.00 -0.57
N ASN A 71 4.08 5.41 0.29
CA ASN A 71 4.51 4.03 0.15
C ASN A 71 4.01 3.21 1.34
N SER A 72 3.56 1.99 1.05
CA SER A 72 3.16 1.06 2.11
C SER A 72 4.38 0.35 2.71
N HIS A 73 5.10 -0.43 1.90
CA HIS A 73 6.37 -1.00 2.33
C HIS A 73 7.32 -1.08 1.14
N ALA A 74 8.62 -1.06 1.46
CA ALA A 74 9.66 -0.78 0.48
C ALA A 74 10.23 -2.06 -0.12
N ARG A 75 9.37 -2.76 -0.86
CA ARG A 75 9.78 -3.86 -1.71
C ARG A 75 9.33 -3.58 -3.14
N LEU A 76 9.90 -4.34 -4.08
CA LEU A 76 9.81 -3.96 -5.48
C LEU A 76 8.39 -3.93 -6.00
N ASP A 77 7.48 -4.74 -5.43
CA ASP A 77 6.13 -4.79 -5.96
C ASP A 77 5.26 -3.63 -5.50
N HIS A 78 5.81 -2.69 -4.74
CA HIS A 78 5.08 -1.48 -4.36
C HIS A 78 5.91 -0.22 -4.46
N ALA A 79 7.22 -0.27 -4.27
CA ALA A 79 8.09 0.89 -4.38
C ALA A 79 8.90 0.90 -5.67
N GLY A 80 8.80 -0.15 -6.48
CA GLY A 80 9.69 -0.26 -7.64
C GLY A 80 9.54 0.89 -8.61
N GLY A 81 8.31 1.37 -8.79
CA GLY A 81 8.05 2.43 -9.74
C GLY A 81 8.11 3.84 -9.20
N ILE A 82 8.40 4.01 -7.90
CA ILE A 82 8.30 5.33 -7.29
C ILE A 82 9.35 6.27 -7.85
N ALA A 83 10.57 5.77 -8.10
CA ALA A 83 11.64 6.63 -8.60
C ALA A 83 11.20 7.36 -9.86
N ARG A 84 10.71 6.61 -10.85
CA ARG A 84 10.34 7.22 -12.12
C ARG A 84 9.07 8.04 -11.98
N LEU A 85 8.10 7.57 -11.20
CA LEU A 85 6.89 8.35 -10.97
C LEU A 85 7.22 9.65 -10.24
N LYS A 86 8.14 9.59 -9.27
CA LYS A 86 8.59 10.82 -8.63
C LYS A 86 9.19 11.78 -9.64
N ALA A 87 10.03 11.28 -10.55
CA ALA A 87 10.68 12.13 -11.54
C ALA A 87 9.66 12.77 -12.46
N TRP A 88 8.71 11.99 -12.97
CA TRP A 88 7.67 12.53 -13.83
C TRP A 88 6.72 13.43 -13.05
N SER A 89 6.70 13.29 -11.73
CA SER A 89 5.75 13.95 -10.86
C SER A 89 6.22 15.32 -10.35
N GLY A 90 7.50 15.41 -9.97
CA GLY A 90 7.89 16.46 -9.05
C GLY A 90 7.30 16.31 -7.67
N ALA A 91 6.65 15.18 -7.38
CA ALA A 91 6.01 14.99 -6.11
C ALA A 91 7.03 14.66 -5.02
N ARG A 92 6.62 14.83 -3.78
CA ARG A 92 7.40 14.45 -2.62
C ARG A 92 6.93 13.10 -2.11
N VAL A 93 7.89 12.23 -1.80
CA VAL A 93 7.59 10.88 -1.35
C VAL A 93 7.47 10.87 0.16
N ILE A 94 6.44 10.18 0.65
CA ILE A 94 6.21 9.99 2.09
C ILE A 94 6.41 8.53 2.41
N ALA A 95 7.10 8.26 3.52
CA ALA A 95 7.33 6.88 3.95
C ALA A 95 7.92 6.89 5.35
N SER A 96 7.73 5.77 6.05
CA SER A 96 8.28 5.59 7.38
C SER A 96 9.81 5.51 7.31
N HIS A 97 10.44 5.65 8.47
CA HIS A 97 11.89 5.61 8.55
C HIS A 97 12.52 4.35 7.97
N ALA A 98 11.99 3.18 8.34
CA ALA A 98 12.55 1.93 7.86
C ALA A 98 12.31 1.76 6.36
N ASN A 99 11.17 2.22 5.87
CA ASN A 99 10.93 2.19 4.42
C ASN A 99 11.86 3.16 3.71
N ALA A 100 12.10 4.33 4.30
CA ALA A 100 13.01 5.29 3.70
C ALA A 100 14.42 4.72 3.60
N GLU A 101 14.88 4.02 4.64
CA GLU A 101 16.22 3.45 4.61
C GLU A 101 16.34 2.39 3.51
N GLN A 102 15.34 1.51 3.41
CA GLN A 102 15.41 0.44 2.42
C GLN A 102 15.27 0.99 1.00
N MET A 103 14.45 2.04 0.83
CA MET A 103 14.26 2.60 -0.51
C MET A 103 15.54 3.29 -0.99
N ALA A 104 16.27 3.93 -0.09
CA ALA A 104 17.56 4.51 -0.48
C ALA A 104 18.54 3.42 -0.90
N ARG A 105 18.38 2.21 -0.39
N ARG A 105 18.36 2.21 -0.38
CA ARG A 105 19.25 1.10 -0.75
CA ARG A 105 19.21 1.07 -0.70
C ARG A 105 18.70 0.27 -1.90
C ARG A 105 18.75 0.33 -1.95
N GLY A 106 17.64 0.73 -2.57
CA GLY A 106 17.15 0.04 -3.73
C GLY A 106 16.57 -1.31 -3.37
N GLY A 107 16.03 -1.44 -2.16
CA GLY A 107 15.48 -2.69 -1.69
C GLY A 107 16.50 -3.67 -1.15
N LYS A 108 17.77 -3.32 -1.14
CA LYS A 108 18.81 -4.25 -0.72
C LYS A 108 18.91 -4.30 0.80
N GLU A 109 19.57 -5.36 1.28
CA GLU A 109 19.70 -5.64 2.71
C GLU A 109 18.32 -5.78 3.36
N ASP A 110 17.36 -6.33 2.62
CA ASP A 110 16.08 -6.70 3.19
C ASP A 110 16.29 -7.74 4.28
N PHE A 111 15.60 -7.55 5.41
CA PHE A 111 15.84 -8.41 6.57
C PHE A 111 15.57 -9.88 6.26
N ALA A 112 14.77 -10.18 5.24
CA ALA A 112 14.44 -11.55 4.89
C ALA A 112 14.91 -11.97 3.51
N LEU A 113 14.92 -11.06 2.54
CA LEU A 113 15.29 -11.39 1.17
C LEU A 113 16.70 -10.96 0.80
N GLY A 114 17.40 -10.25 1.69
CA GLY A 114 18.76 -9.83 1.38
C GLY A 114 18.77 -8.90 0.19
N ASP A 115 19.63 -9.21 -0.78
CA ASP A 115 19.78 -8.42 -2.00
C ASP A 115 19.09 -9.09 -3.19
N ALA A 116 18.08 -9.92 -2.94
CA ALA A 116 17.53 -10.75 -4.01
C ALA A 116 16.66 -9.95 -4.97
N LEU A 117 15.98 -8.91 -4.48
CA LEU A 117 14.97 -8.21 -5.28
C LEU A 117 15.17 -6.70 -5.20
N PRO A 118 16.18 -6.19 -5.89
CA PRO A 118 16.41 -4.73 -5.88
C PRO A 118 15.54 -3.99 -6.87
N PHE A 119 15.47 -2.67 -6.68
CA PHE A 119 14.71 -1.78 -7.54
C PHE A 119 15.37 -0.41 -7.49
N PRO A 120 15.01 0.50 -8.39
CA PRO A 120 15.65 1.82 -8.43
C PRO A 120 15.54 2.53 -7.09
N PRO A 121 16.65 3.04 -6.55
CA PRO A 121 16.60 3.70 -5.25
C PRO A 121 15.82 5.01 -5.32
N VAL A 122 15.26 5.38 -4.17
CA VAL A 122 14.48 6.61 -4.04
C VAL A 122 14.90 7.34 -2.78
N THR A 123 14.92 8.66 -2.84
CA THR A 123 15.13 9.51 -1.68
C THR A 123 13.78 9.96 -1.15
N VAL A 124 13.44 9.52 0.07
CA VAL A 124 12.19 9.94 0.67
C VAL A 124 12.30 11.40 1.11
N ASP A 125 11.31 12.21 0.72
CA ASP A 125 11.35 13.64 1.00
C ASP A 125 10.73 13.99 2.34
N MET A 126 9.79 13.19 2.82
CA MET A 126 9.09 13.48 4.07
C MET A 126 8.95 12.19 4.86
N GLU A 127 9.68 12.11 5.98
CA GLU A 127 9.61 10.95 6.84
C GLU A 127 8.30 10.95 7.62
N ALA A 128 7.56 9.85 7.53
CA ALA A 128 6.29 9.72 8.22
C ALA A 128 6.49 9.11 9.60
N GLN A 129 5.81 9.68 10.59
CA GLN A 129 5.71 9.09 11.92
C GLN A 129 4.29 8.56 12.13
N ASP A 130 4.16 7.67 13.12
CA ASP A 130 2.87 7.04 13.37
C ASP A 130 1.82 8.07 13.73
N GLY A 131 0.69 8.03 13.03
CA GLY A 131 -0.40 8.95 13.26
C GLY A 131 -0.24 10.32 12.65
N GLN A 132 0.87 10.59 11.96
CA GLN A 132 1.08 11.87 11.32
C GLN A 132 0.05 12.09 10.22
N GLN A 133 -0.34 13.35 10.04
CA GLN A 133 -1.42 13.70 9.12
C GLN A 133 -0.93 14.69 8.07
N TRP A 134 -1.47 14.55 6.86
CA TRP A 134 -1.25 15.49 5.77
C TRP A 134 -2.61 15.90 5.21
N HIS A 135 -2.77 17.20 4.96
CA HIS A 135 -4.03 17.75 4.49
C HIS A 135 -3.85 18.35 3.11
N LEU A 136 -4.79 18.07 2.21
CA LEU A 136 -4.70 18.55 0.84
C LEU A 136 -6.10 18.62 0.25
N GLY A 137 -6.54 19.82 -0.09
CA GLY A 137 -7.79 20.00 -0.81
C GLY A 137 -8.99 19.34 -0.15
N GLY A 138 -9.07 19.41 1.18
CA GLY A 138 -10.18 18.82 1.89
C GLY A 138 -10.03 17.36 2.23
N VAL A 139 -8.96 16.72 1.79
CA VAL A 139 -8.69 15.32 2.09
C VAL A 139 -7.60 15.26 3.15
N THR A 140 -7.71 14.28 4.04
CA THR A 140 -6.71 14.05 5.08
C THR A 140 -6.12 12.66 4.91
N LEU A 141 -4.80 12.59 4.87
CA LEU A 141 -4.07 11.33 4.78
C LEU A 141 -3.31 11.11 6.08
N ALA A 142 -3.54 9.97 6.71
CA ALA A 142 -2.93 9.65 8.00
C ALA A 142 -2.20 8.33 7.93
N ALA A 143 -0.99 8.28 8.49
CA ALA A 143 -0.18 7.08 8.49
C ALA A 143 -0.55 6.20 9.68
N ILE A 144 -0.76 4.91 9.42
CA ILE A 144 -0.97 3.91 10.46
C ILE A 144 0.17 2.91 10.33
N PHE A 145 1.14 2.99 11.23
CA PHE A 145 2.26 2.05 11.21
C PHE A 145 1.76 0.65 11.52
N THR A 146 1.99 -0.28 10.60
CA THR A 146 1.54 -1.66 10.73
C THR A 146 2.70 -2.59 10.41
N PRO A 147 3.76 -2.57 11.22
CA PRO A 147 4.94 -3.39 10.93
C PRO A 147 4.67 -4.88 11.12
N GLY A 148 5.61 -5.67 10.64
CA GLY A 148 5.50 -7.11 10.69
C GLY A 148 5.95 -7.76 9.40
N HIS A 149 5.20 -7.50 8.31
CA HIS A 149 5.65 -7.92 6.99
C HIS A 149 7.01 -7.32 6.67
N LEU A 150 7.22 -6.05 7.02
CA LEU A 150 8.51 -5.39 7.01
C LEU A 150 8.57 -4.47 8.20
N PRO A 151 9.77 -4.13 8.69
CA PRO A 151 9.86 -3.26 9.86
C PRO A 151 9.14 -1.93 9.68
N GLY A 152 9.08 -1.41 8.45
CA GLY A 152 8.47 -0.13 8.19
C GLY A 152 7.10 -0.18 7.54
N ALA A 153 6.49 -1.35 7.44
CA ALA A 153 5.19 -1.48 6.79
C ALA A 153 4.21 -0.44 7.34
N THR A 154 3.55 0.28 6.44
CA THR A 154 2.66 1.37 6.80
C THR A 154 1.33 1.20 6.08
N SER A 155 0.24 1.26 6.85
CA SER A 155 -1.10 1.38 6.31
C SER A 155 -1.50 2.84 6.29
N TRP A 156 -2.50 3.17 5.47
CA TRP A 156 -2.86 4.56 5.22
C TRP A 156 -4.36 4.75 5.41
N LYS A 157 -4.71 5.70 6.27
CA LYS A 157 -6.08 6.10 6.51
C LYS A 157 -6.36 7.41 5.80
N VAL A 158 -7.40 7.43 4.97
CA VAL A 158 -7.78 8.62 4.23
C VAL A 158 -9.19 9.01 4.64
N THR A 159 -9.34 10.27 5.07
CA THR A 159 -10.65 10.87 5.32
C THR A 159 -11.00 11.70 4.09
N LEU A 160 -11.96 11.22 3.31
CA LEU A 160 -12.31 11.89 2.07
C LEU A 160 -13.09 13.18 2.35
N ALA A 161 -13.18 14.03 1.32
CA ALA A 161 -13.87 15.30 1.48
C ALA A 161 -15.32 15.12 1.89
N ASP A 162 -15.96 14.03 1.47
CA ASP A 162 -17.35 13.76 1.83
C ASP A 162 -17.48 13.09 3.19
N GLY A 163 -16.39 12.95 3.95
CA GLY A 163 -16.45 12.44 5.29
C GLY A 163 -16.25 10.95 5.44
N LYS A 164 -16.27 10.20 4.35
CA LYS A 164 -16.12 8.75 4.43
C LYS A 164 -14.66 8.38 4.63
N THR A 165 -14.45 7.27 5.33
CA THR A 165 -13.11 6.82 5.72
C THR A 165 -12.65 5.69 4.81
N LEU A 166 -11.44 5.84 4.29
CA LEU A 166 -10.81 4.81 3.47
C LEU A 166 -9.57 4.31 4.19
N ILE A 167 -9.39 2.99 4.19
CA ILE A 167 -8.21 2.36 4.77
C ILE A 167 -7.50 1.60 3.67
N TYR A 168 -6.24 1.95 3.41
CA TYR A 168 -5.38 1.25 2.47
C TYR A 168 -4.42 0.40 3.31
N ALA A 169 -4.66 -0.91 3.34
CA ALA A 169 -3.96 -1.79 4.27
C ALA A 169 -2.72 -2.40 3.64
N ASP A 170 -1.64 -2.42 4.40
CA ASP A 170 -0.42 -3.09 3.98
C ASP A 170 -0.55 -4.59 4.20
N SER A 171 0.38 -5.33 3.61
CA SER A 171 0.41 -6.77 3.79
C SER A 171 0.78 -7.13 5.22
N LEU A 172 0.23 -8.25 5.70
CA LEU A 172 0.60 -8.81 6.99
C LEU A 172 1.17 -10.22 6.85
N ALA A 173 1.57 -10.59 5.63
CA ALA A 173 2.03 -11.95 5.37
C ALA A 173 3.44 -12.17 5.87
N THR A 174 3.71 -13.40 6.29
CA THR A 174 5.02 -13.77 6.80
C THR A 174 5.45 -15.14 6.26
N PRO A 175 5.31 -15.39 4.96
CA PRO A 175 5.63 -16.73 4.43
C PRO A 175 7.13 -16.98 4.47
N GLY A 176 7.52 -18.09 5.09
CA GLY A 176 8.92 -18.44 5.19
C GLY A 176 9.72 -17.62 6.18
N TYR A 177 9.07 -16.80 7.00
CA TYR A 177 9.78 -15.97 7.95
C TYR A 177 10.18 -16.79 9.18
N PRO A 178 11.42 -16.68 9.64
CA PRO A 178 11.73 -17.13 11.01
C PRO A 178 11.12 -16.18 12.02
N LEU A 179 10.19 -16.69 12.83
CA LEU A 179 9.43 -15.84 13.74
C LEU A 179 9.95 -15.83 15.16
N ILE A 180 10.78 -16.81 15.53
CA ILE A 180 11.27 -16.95 16.90
C ILE A 180 12.71 -16.48 16.92
N ASN A 181 12.97 -15.38 17.63
CA ASN A 181 14.31 -14.84 17.77
C ASN A 181 14.96 -14.58 16.41
N ASN A 182 14.22 -13.90 15.54
CA ASN A 182 14.74 -13.55 14.23
C ASN A 182 15.92 -12.60 14.38
N ARG A 183 17.08 -13.03 13.86
CA ARG A 183 18.31 -12.25 14.04
C ARG A 183 18.18 -10.85 13.46
N ASN A 184 17.60 -10.73 12.27
CA ASN A 184 17.58 -9.47 11.54
C ASN A 184 16.36 -8.61 11.85
N TYR A 185 15.37 -9.14 12.57
CA TYR A 185 14.14 -8.41 12.89
C TYR A 185 13.59 -8.99 14.18
N PRO A 186 14.27 -8.72 15.30
CA PRO A 186 13.90 -9.41 16.56
C PRO A 186 12.54 -9.01 17.12
N THR A 187 12.00 -7.86 16.73
CA THR A 187 10.73 -7.41 17.25
C THR A 187 9.55 -7.77 16.35
N LEU A 188 9.73 -8.75 15.46
CA LEU A 188 8.70 -9.05 14.47
C LEU A 188 7.38 -9.43 15.13
N VAL A 189 7.41 -10.37 16.07
CA VAL A 189 6.17 -10.92 16.60
C VAL A 189 5.38 -9.86 17.35
N GLU A 190 6.01 -9.18 18.32
CA GLU A 190 5.31 -8.11 19.01
C GLU A 190 4.84 -7.03 18.04
N ASP A 191 5.63 -6.77 16.99
CA ASP A 191 5.24 -5.77 16.00
C ASP A 191 3.94 -6.16 15.30
N ILE A 192 3.88 -7.39 14.77
CA ILE A 192 2.70 -7.79 14.02
C ILE A 192 1.49 -7.91 14.93
N ARG A 193 1.69 -8.27 16.20
CA ARG A 193 0.57 -8.34 17.13
C ARG A 193 0.00 -6.95 17.42
N ARG A 194 0.86 -5.94 17.55
CA ARG A 194 0.38 -4.58 17.70
C ARG A 194 -0.30 -4.09 16.41
N SER A 195 0.16 -4.58 15.25
CA SER A 195 -0.46 -4.19 13.99
C SER A 195 -1.88 -4.74 13.89
N PHE A 196 -2.08 -6.01 14.24
CA PHE A 196 -3.44 -6.56 14.25
C PHE A 196 -4.36 -5.71 15.13
N ALA A 197 -3.91 -5.39 16.35
CA ALA A 197 -4.74 -4.61 17.26
C ALA A 197 -5.01 -3.22 16.69
N ARG A 198 -4.01 -2.61 16.06
CA ARG A 198 -4.20 -1.27 15.51
C ARG A 198 -5.23 -1.28 14.38
N LEU A 199 -5.17 -2.27 13.50
CA LEU A 199 -6.05 -2.28 12.35
C LEU A 199 -7.47 -2.66 12.74
N GLU A 200 -7.64 -3.64 13.63
CA GLU A 200 -8.97 -4.10 13.99
C GLU A 200 -9.73 -3.07 14.80
N ALA A 201 -9.05 -2.08 15.36
CA ALA A 201 -9.69 -0.97 16.05
C ALA A 201 -10.02 0.20 15.11
N GLN A 202 -9.87 0.00 13.80
CA GLN A 202 -10.04 1.05 12.81
C GLN A 202 -11.35 0.85 12.09
N GLN A 203 -12.23 1.85 12.16
CA GLN A 203 -13.46 1.85 11.37
C GLN A 203 -13.16 2.28 9.94
N VAL A 204 -13.97 1.78 9.01
CA VAL A 204 -13.70 2.01 7.60
C VAL A 204 -15.01 1.92 6.82
N ASP A 205 -15.13 2.77 5.80
CA ASP A 205 -16.19 2.66 4.80
C ASP A 205 -15.70 1.95 3.55
N ILE A 206 -14.54 2.37 3.03
CA ILE A 206 -13.95 1.79 1.83
C ILE A 206 -12.68 1.06 2.24
N PHE A 207 -12.64 -0.23 2.04
CA PHE A 207 -11.48 -1.05 2.40
C PHE A 207 -10.66 -1.35 1.15
N LEU A 208 -9.39 -0.98 1.18
CA LEU A 208 -8.45 -1.31 0.12
C LEU A 208 -7.21 -1.96 0.73
N ALA A 209 -6.44 -2.64 -0.12
CA ALA A 209 -5.18 -3.27 0.27
C ALA A 209 -4.24 -3.20 -0.91
N ASN A 210 -2.94 -3.32 -0.64
CA ASN A 210 -1.96 -3.17 -1.71
C ASN A 210 -1.89 -4.38 -2.64
N HIS A 211 -2.70 -5.41 -2.40
CA HIS A 211 -2.83 -6.55 -3.30
C HIS A 211 -4.31 -6.77 -3.57
N GLY A 212 -4.70 -6.77 -4.85
CA GLY A 212 -6.10 -6.77 -5.20
C GLY A 212 -6.86 -8.00 -4.74
N GLU A 213 -6.19 -9.15 -4.71
CA GLU A 213 -6.85 -10.38 -4.29
C GLU A 213 -7.35 -10.32 -2.85
N ARG A 214 -6.82 -9.40 -2.05
CA ARG A 214 -7.13 -9.37 -0.63
C ARG A 214 -8.29 -8.45 -0.28
N PHE A 215 -8.76 -7.63 -1.22
CA PHE A 215 -10.00 -6.86 -1.00
C PHE A 215 -10.98 -7.05 -2.14
N GLY A 216 -10.86 -8.14 -2.89
CA GLY A 216 -11.81 -8.47 -3.94
C GLY A 216 -11.87 -7.47 -5.06
N LEU A 217 -10.70 -7.06 -5.56
CA LEU A 217 -10.63 -6.01 -6.56
C LEU A 217 -11.46 -6.35 -7.79
N MET A 218 -11.19 -7.51 -8.41
CA MET A 218 -11.80 -7.80 -9.69
C MET A 218 -13.31 -7.99 -9.57
N ASP A 219 -13.77 -8.60 -8.46
CA ASP A 219 -15.20 -8.77 -8.26
C ASP A 219 -15.90 -7.44 -8.07
N LYS A 220 -15.37 -6.61 -7.17
CA LYS A 220 -15.98 -5.30 -6.93
C LYS A 220 -15.91 -4.41 -8.16
N MET A 221 -14.85 -4.55 -8.96
CA MET A 221 -14.72 -3.74 -10.17
C MET A 221 -15.80 -4.11 -11.19
N ALA A 222 -16.00 -5.41 -11.41
CA ALA A 222 -17.04 -5.85 -12.34
C ALA A 222 -18.42 -5.41 -11.84
N ARG A 223 -18.68 -5.56 -10.55
CA ARG A 223 -19.96 -5.16 -10.00
C ARG A 223 -20.23 -3.68 -10.21
N LYS A 224 -19.23 -2.83 -9.96
CA LYS A 224 -19.42 -1.39 -10.15
C LYS A 224 -19.65 -1.06 -11.61
N ALA A 225 -18.94 -1.74 -12.52
CA ALA A 225 -19.13 -1.50 -13.94
C ALA A 225 -20.58 -1.78 -14.35
N ARG A 226 -21.18 -2.80 -13.75
CA ARG A 226 -22.56 -3.18 -14.07
C ARG A 226 -23.59 -2.30 -13.39
N GLY A 227 -23.17 -1.27 -12.64
CA GLY A 227 -24.09 -0.31 -12.08
C GLY A 227 -24.17 -0.27 -10.57
N GLU A 228 -23.40 -1.09 -9.86
CA GLU A 228 -23.43 -1.11 -8.40
C GLU A 228 -22.50 0.00 -7.89
N ASN A 229 -23.10 1.16 -7.65
CA ASN A 229 -22.32 2.36 -7.35
C ASN A 229 -21.47 2.21 -6.10
N ASN A 230 -21.92 1.38 -5.15
CA ASN A 230 -21.28 1.30 -3.84
C ASN A 230 -20.54 -0.02 -3.64
N ALA A 231 -20.06 -0.62 -4.74
CA ALA A 231 -19.47 -1.95 -4.65
C ALA A 231 -18.23 -1.98 -3.75
N PHE A 232 -17.52 -0.86 -3.64
CA PHE A 232 -16.30 -0.82 -2.84
C PHE A 232 -16.54 -0.38 -1.41
N ILE A 233 -17.76 0.03 -1.06
CA ILE A 233 -18.13 0.19 0.34
C ILE A 233 -18.13 -1.18 0.99
N ASP A 234 -17.22 -1.39 1.94
CA ASP A 234 -17.03 -2.71 2.56
C ASP A 234 -16.62 -2.47 4.03
N LYS A 235 -17.62 -2.34 4.89
CA LYS A 235 -17.38 -1.96 6.27
C LYS A 235 -16.83 -3.11 7.12
N ALA A 236 -16.95 -4.34 6.65
CA ALA A 236 -16.38 -5.50 7.33
C ALA A 236 -15.08 -5.97 6.69
N GLY A 237 -14.56 -5.25 5.69
CA GLY A 237 -13.43 -5.74 4.95
C GLY A 237 -12.15 -5.79 5.77
N LEU A 238 -11.93 -4.78 6.61
CA LEU A 238 -10.70 -4.73 7.40
C LEU A 238 -10.73 -5.73 8.55
N ALA A 239 -11.87 -5.89 9.21
CA ALA A 239 -11.97 -6.88 10.28
C ALA A 239 -11.70 -8.28 9.75
N ARG A 240 -12.25 -8.61 8.58
CA ARG A 240 -12.01 -9.92 7.99
C ARG A 240 -10.56 -10.07 7.55
N TYR A 241 -9.98 -9.02 6.97
CA TYR A 241 -8.58 -9.04 6.57
C TYR A 241 -7.70 -9.34 7.77
N VAL A 242 -7.96 -8.68 8.90
CA VAL A 242 -7.14 -8.90 10.09
C VAL A 242 -7.37 -10.29 10.66
N ALA A 243 -8.63 -10.71 10.73
CA ALA A 243 -8.94 -12.02 11.31
C ALA A 243 -8.25 -13.14 10.55
N GLN A 244 -8.28 -13.08 9.22
CA GLN A 244 -7.68 -14.14 8.42
C GLN A 244 -6.15 -14.10 8.47
N SER A 245 -5.58 -12.89 8.45
CA SER A 245 -4.13 -12.78 8.58
C SER A 245 -3.66 -13.27 9.95
N ARG A 246 -4.37 -12.87 11.02
CA ARG A 246 -3.99 -13.29 12.35
C ARG A 246 -4.11 -14.80 12.51
N ALA A 247 -5.21 -15.38 12.02
CA ALA A 247 -5.39 -16.83 12.11
C ALA A 247 -4.21 -17.56 11.49
N ALA A 248 -3.82 -17.16 10.28
CA ALA A 248 -2.71 -17.82 9.60
C ALA A 248 -1.40 -17.59 10.33
N PHE A 249 -1.21 -16.40 10.90
CA PHE A 249 0.04 -16.10 11.59
C PHE A 249 0.17 -16.95 12.86
N GLU A 250 -0.90 -17.03 13.65
CA GLU A 250 -0.81 -17.78 14.90
C GLU A 250 -0.62 -19.27 14.66
N LYS A 251 -1.22 -19.81 13.58
CA LYS A 251 -0.97 -21.19 13.21
C LYS A 251 0.48 -21.39 12.79
N GLN A 252 1.02 -20.47 12.00
CA GLN A 252 2.43 -20.56 11.60
C GLN A 252 3.33 -20.49 12.83
N LEU A 253 3.05 -19.56 13.75
CA LEU A 253 3.88 -19.41 14.93
C LEU A 253 3.77 -20.63 15.84
N ALA A 254 2.56 -21.17 16.00
CA ALA A 254 2.39 -22.37 16.81
C ALA A 254 3.22 -23.53 16.25
N ALA A 255 3.27 -23.65 14.92
CA ALA A 255 4.06 -24.72 14.32
C ALA A 255 5.55 -24.50 14.55
N GLN A 256 6.00 -23.25 14.55
CA GLN A 256 7.41 -22.97 14.75
C GLN A 256 7.85 -23.22 16.18
N ARG A 257 6.95 -23.01 17.15
CA ARG A 257 7.28 -23.26 18.55
C ARG A 257 7.22 -24.73 18.92
N ALA A 258 6.61 -25.58 18.09
CA ALA A 258 6.43 -26.98 18.42
C ALA A 258 7.58 -27.86 17.92
N GLN A 259 8.81 -27.36 17.94
CA GLN A 259 9.96 -28.17 17.59
C GLN A 259 10.07 -29.35 18.57
ZN ZN B . 3.30 -6.91 -2.14
ZN ZN C . 5.48 -7.37 0.47
ZN ZN D . 6.97 -9.73 -1.45
ZN ZN E . 19.35 7.09 7.50
ZN ZN F . 14.56 8.35 10.05
ZN ZN G . 24.13 -6.11 -0.02
C ACT H . 6.72 -12.28 0.60
O ACT H . 7.09 -12.39 -0.60
OXT ACT H . 7.44 -12.18 1.64
CH3 ACT H . 5.17 -12.28 0.87
P PO4 I . 16.79 9.08 7.83
O1 PO4 I . 16.95 10.49 7.31
O2 PO4 I . 16.06 9.10 9.14
O3 PO4 I . 16.00 8.26 6.83
O4 PO4 I . 18.15 8.47 8.05
#